data_6HMS
#
_entry.id   6HMS
#
_cell.length_a   1.00
_cell.length_b   1.00
_cell.length_c   1.00
_cell.angle_alpha   90.00
_cell.angle_beta   90.00
_cell.angle_gamma   90.00
#
_symmetry.space_group_name_H-M   'P 1'
#
loop_
_entity.id
_entity.type
_entity.pdbx_description
1 polymer 'DNA polymerase II small subunit'
2 polymer 'DNA polymerase II large subunit,DNA polymerase II large subunit'
3 polymer "DNA (5'-D(*GP*AP*GP*AP*CP*GP*GP*GP*CP*CP*GP*CP*GP*TP*C)-3')"
4 polymer "DNA (5'-D(P*TP*GP*AP*CP*GP*CP*GP*GP*CP*CP*CP*GP*TP*CP*TP*C)-3')"
5 non-polymer 'FE (III) ION'
6 non-polymer 'ZINC ION'
#
loop_
_entity_poly.entity_id
_entity_poly.type
_entity_poly.pdbx_seq_one_letter_code
_entity_poly.pdbx_strand_id
1 'polypeptide(L)'
;YEVKFVEAYASLFKSRLSKLKRILRENPEISNVVDIGKLNYVSGDEEVTIIGLVNSKRETNRGLIFEVEDKTGIVKVFLP
KDSEDYREAFKVLPDAVVAFKGFYSKKGIFFANKFYLPDVPLYRKQKPPLEEKVYAILISDIHVGSREFCEKAFLKFLEW
LNGHVESKEEEEIVSRVKYLIIAGDVVDGIGIYPGQYSDLVIPDIFDQYEALANLLANVPEHITMFIGPGNADAARPAIP
QPEFYKEYAKPIYKLKNAIIISNPAVIRLHGRDFLIAHGRGIEDVVSFVPGLTHHKPGLPMVELLKMRHLAPTFGGKVPI
APDPEDLLVIEEVPDLVQMGHVHVYDAVVYRGVQLVNSATWQAQTEFQKMVNIVPTPAKVPVVDVESARVVKVLDFSGWC
;
A
2 'polypeptide(L)'
;MELPKEMEEYFEMLQREIDKAYEIAKKARAQGKDPSLDVEIPQATDMAGRVESLVGPPGVAKRIRELVKEYGKEIAALKI
VDEIIEGKFGDLGSREKYAEQAVRTALAILTEGIVSAPIEGIANVKIKRNTWADNSEYLALYYAGPIRSSGGTAQALSVL
VGDYVRRKLGLDRFKPSEKHIERMVEEVDLYHRAVTRLQYHPSPEEVRLAMRNIPIEITGEATDDVEVSHRDVPGVETNQ
LRGGAILVLAEGVLQKAKKLVKYIDKMGIEGWEWLKEFVEAKEKGEPKEEGKEESLAESTLEETKVEVDMGFYYSLYQKF
KEEIAPSDKYAKEVIGGRPLFSDPSKPGGFRLRYGRSRASGFATWGINPATMILVDEFLAIGTQLKTERPGKGAVVTPVT
TIEGPIVKLKDGSVLRVDDYNLALKVREDVEEILYLGDAVIAFGDFVENNQTLLPANYCEEWWILEFVKALKEIYEVHLE
PFTENEEESIEEASDYLEIDPEFLKEMLRDPLRVKPPVELAIHFSEVLGIPLHPYYTLYWNSVEPKDVEKLWRLLKNYAE
IEWSNFRGIKFAKKIVISQEKLGDSKRTLELLGLPHTVRDGNVIVDYPWAAALLTPLGNLNWEFMAKPLYATIDIINENN
EIKLRDRGISWIGARMGRPEKAKERKMKPPVQVLFPIGLAGGSSRDIKKAAEEGKVAEVEIAFFKCPKCGHVGPEHLCPN
CGTRKELLWVCPRCNAEYPESQAEGYNYTCPKCNVKLRPYAKRKIRPSELLNRAMENVKVYGVDKLKGVMGMTSGWKMPE
PLEKGLLRAKNDVYVFKDGTIRFDATDAPITHFRPREIGVSVEKLRELGYTHDFEGKPLVSEDQIVELKPQDIILSKEAG
RYLLKVAKFVDDLLEKFYGLPRFYNAEKMEDLIGHLVIGLAPHTSAGIVGRIIGFVDALVGYAHPYFHAAKRRNCDGDED
AVMLLLDALLNFSRYYLPEKRGGKMDAPLVITTRLDPREVDSEVHNMDIVRYYPLEFYEATYELKSPKELVGVIERVEDR
LGKPEMYYGLKFTHDTDDIALGPKMSLYKQLGDMEEKVRRQLEVAKRIRAVDEHGVAEKILNSHLIPDLRGNLRSFTRQE
FRCVKCNTKFRRPPLNGKCPVCGGKIVLTVSKGAIEKYLGTAKMLVTEYNVKNYTRQRICLTERDIDSLFENVFPETQLT
LIVNPNDICQRLVMARTGEVNKSGLLENLSNGSKKTEKAEKAEKPRKKSDEKPKKKRVISLEEFFSRKSK
;
B
3 'polydeoxyribonucleotide' (DG)(DA)(DG)(DA)(DC)(DG)(DG)(DG)(DC)(DC)(DG)(DC)(DG)(DT)(DC) P
4 'polydeoxyribonucleotide' (DT)(DG)(DA)(DC)(DG)(DC)(DG)(DG)(DC)(DC)(DC)(DG)(DT)(DC)(DT)(DC) T
#
loop_
_chem_comp.id
_chem_comp.type
_chem_comp.name
_chem_comp.formula
DA DNA linking 2'-DEOXYADENOSINE-5'-MONOPHOSPHATE 'C10 H14 N5 O6 P'
DC DNA linking 2'-DEOXYCYTIDINE-5'-MONOPHOSPHATE 'C9 H14 N3 O7 P'
DG DNA linking 2'-DEOXYGUANOSINE-5'-MONOPHOSPHATE 'C10 H14 N5 O7 P'
DT DNA linking THYMIDINE-5'-MONOPHOSPHATE 'C10 H15 N2 O8 P'
FE non-polymer 'FE (III) ION' 'Fe 3'
ZN non-polymer 'ZINC ION' 'Zn 2'
#
# COMPACT_ATOMS: atom_id res chain seq x y z
CA TYR A 1 10.43 -7.98 57.96
CA GLU A 2 10.79 -4.68 56.13
CA VAL A 3 10.25 -3.18 52.68
CA LYS A 4 13.71 -1.58 52.69
CA PHE A 5 13.18 0.03 49.28
CA VAL A 6 14.03 20.15 28.79
CA GLU A 7 16.05 17.10 27.72
CA ALA A 8 14.70 13.97 29.42
CA TYR A 9 17.85 11.93 30.06
CA ALA A 10 20.49 14.50 31.12
CA SER A 11 19.68 14.02 34.82
CA LEU A 12 19.31 10.25 34.42
CA PHE A 13 22.79 9.78 32.95
CA LYS A 14 24.29 12.16 35.48
CA SER A 15 22.85 9.89 38.19
CA ARG A 16 23.91 6.70 36.35
CA LEU A 17 27.45 7.93 35.67
CA SER A 18 27.91 9.16 39.25
CA LYS A 19 26.54 5.96 40.83
CA LEU A 20 28.24 3.40 38.62
CA LYS A 21 31.45 5.42 38.48
CA ARG A 22 31.23 5.30 42.29
CA ILE A 23 30.77 1.52 42.18
CA LEU A 24 33.75 1.27 39.79
CA ARG A 25 35.82 3.36 42.23
CA GLU A 26 34.99 0.71 44.86
CA ASN A 27 37.19 -1.73 42.93
CA PRO A 28 40.71 -1.50 44.44
CA GLU A 29 42.22 -2.39 41.04
CA ILE A 30 40.82 0.81 39.48
CA SER A 31 43.33 3.62 40.10
CA ASN A 32 44.67 6.73 38.30
CA VAL A 33 41.30 7.84 36.96
CA VAL A 34 41.71 10.82 34.61
CA ASP A 35 39.21 13.09 32.86
CA ILE A 36 38.59 12.60 29.13
CA GLY A 37 38.97 16.37 28.62
CA LYS A 38 42.52 16.13 29.94
CA LEU A 39 43.49 13.09 27.86
CA ASN A 40 45.68 15.18 25.59
CA TYR A 41 47.10 17.05 28.54
CA VAL A 42 48.62 13.73 29.71
CA SER A 43 51.93 12.52 28.33
CA GLY A 44 52.18 9.00 26.86
CA ASP A 45 54.46 7.73 29.64
CA GLU A 46 51.84 7.64 32.42
CA GLU A 47 49.41 4.73 32.57
CA VAL A 48 46.09 6.27 33.49
CA THR A 49 42.51 5.14 33.81
CA ILE A 50 39.46 6.76 32.23
CA ILE A 51 35.83 6.23 33.24
CA GLY A 52 32.98 7.00 30.86
CA LEU A 53 29.94 5.78 28.96
CA VAL A 54 30.55 3.53 25.95
CA ASN A 55 29.00 5.64 23.20
CA SER A 56 30.04 3.40 20.31
CA LYS A 57 31.70 0.06 19.82
CA ARG A 58 33.23 -1.03 16.54
CA GLU A 59 35.51 -4.03 16.03
CA THR A 60 38.55 -3.64 13.76
CA ASN A 61 41.08 -6.25 12.63
CA ARG A 62 43.64 -4.47 14.85
CA GLY A 63 41.50 -4.55 17.95
CA LEU A 64 38.45 -2.76 19.34
CA ILE A 65 37.55 0.89 18.82
CA PHE A 66 35.38 2.26 21.59
CA GLU A 67 34.04 5.78 21.78
CA VAL A 68 34.02 6.53 25.48
CA GLU A 69 32.16 9.56 26.84
CA ASP A 70 32.06 10.99 30.32
CA LYS A 71 30.51 14.11 31.84
CA THR A 72 33.59 16.12 30.79
CA GLY A 73 34.08 14.88 27.23
CA ILE A 74 34.16 12.10 24.63
CA VAL A 75 37.10 9.99 23.51
CA LYS A 76 37.91 7.17 21.07
CA VAL A 77 39.48 4.18 22.87
CA PHE A 78 41.59 1.48 21.21
CA LEU A 79 42.15 -1.90 22.79
CA PRO A 80 44.83 -4.07 21.09
CA LYS A 81 43.79 -7.44 19.56
CA ASP A 82 44.64 -9.50 22.62
CA SER A 83 44.39 -7.34 25.73
CA GLU A 84 43.62 -9.74 28.63
CA ASP A 85 40.17 -8.12 29.05
CA TYR A 86 39.12 -8.72 25.42
CA ARG A 87 36.51 -11.34 26.40
CA GLU A 88 35.04 -8.70 28.74
CA ALA A 89 35.55 -5.73 26.44
CA PHE A 90 33.82 -7.69 23.67
CA LYS A 91 30.76 -8.34 25.83
CA VAL A 92 30.28 -4.83 27.28
CA LEU A 93 26.87 -3.29 26.37
CA PRO A 94 26.31 0.33 25.26
CA ASP A 95 25.36 3.05 27.82
CA ALA A 96 27.16 1.31 30.67
CA VAL A 97 29.69 3.05 32.89
CA VAL A 98 33.06 1.25 32.75
CA ALA A 99 36.74 1.96 33.38
CA PHE A 100 39.72 1.68 31.00
CA LYS A 101 43.37 1.64 31.96
CA GLY A 102 45.87 2.39 29.25
CA PHE A 103 47.90 4.99 27.39
CA TYR A 104 47.03 7.99 25.23
CA SER A 105 48.29 7.92 21.64
CA LYS A 106 48.62 11.79 21.39
CA LYS A 107 46.83 11.30 18.10
CA GLY A 108 43.54 11.33 19.97
CA ILE A 109 43.17 7.69 20.98
CA PHE A 110 43.31 6.03 24.40
CA PHE A 111 45.27 2.83 23.84
CA ALA A 112 43.64 0.99 26.70
CA ASN A 113 45.26 -2.19 27.92
CA LYS A 114 42.87 -3.12 30.74
CA PHE A 115 39.07 -3.15 31.06
CA TYR A 116 36.94 -2.93 34.16
CA LEU A 117 33.29 -3.42 35.04
CA PRO A 118 32.33 -2.07 38.48
CA ASP A 119 31.78 -5.69 39.62
CA VAL A 120 30.59 -6.89 43.03
CA PRO A 121 32.14 -7.24 46.49
CA LEU A 122 34.03 -10.50 46.98
CA TYR A 123 33.60 -10.37 50.77
CA ARG A 124 30.33 -9.50 52.46
CA LYS A 125 29.51 -10.19 56.07
CA GLN A 126 27.46 -13.33 56.55
CA LYS A 127 24.17 -12.76 58.10
CA PRO A 128 23.48 -14.20 61.56
CA PRO A 129 21.18 -17.24 61.59
CA LEU A 130 17.54 -16.72 62.46
CA GLU A 131 15.77 -17.83 65.60
CA GLU A 132 13.30 -19.83 63.53
CA LYS A 133 13.46 -21.35 60.09
CA VAL A 134 11.27 -19.45 57.65
CA TYR A 135 10.61 -20.34 54.01
CA ALA A 136 9.66 -18.17 51.05
CA ILE A 137 7.73 -19.19 47.95
CA LEU A 138 8.58 -17.40 44.70
CA ILE A 139 6.03 -17.19 41.90
CA SER A 140 5.56 -14.87 38.89
CA ASP A 141 4.02 -14.38 35.43
CA ILE A 142 0.68 -15.87 36.35
CA HIS A 143 -1.03 -14.11 33.43
CA VAL A 144 -4.60 -14.50 34.75
CA GLY A 145 -7.01 -14.05 31.85
CA SER A 146 -4.98 -16.14 29.43
CA ARG A 147 -6.30 -19.43 28.09
CA GLU A 148 -2.84 -20.94 28.74
CA PHE A 149 -2.94 -20.35 32.53
CA CYS A 150 -2.33 -23.66 34.39
CA GLU A 151 -5.30 -23.20 36.72
CA LYS A 152 -5.29 -26.72 38.27
CA ALA A 153 -1.59 -26.79 39.23
CA PHE A 154 -2.12 -23.49 41.01
CA LEU A 155 -5.25 -24.77 42.71
CA LYS A 156 -3.23 -27.73 44.01
CA PHE A 157 -0.70 -25.15 45.11
CA LEU A 158 -3.41 -23.21 46.97
CA GLU A 159 -4.38 -26.49 48.64
CA TRP A 160 -0.72 -26.97 49.54
CA LEU A 161 -0.59 -23.41 50.94
CA ASN A 162 -3.44 -23.98 53.43
CA GLY A 163 -1.50 -26.78 55.16
CA HIS A 164 -3.33 -29.51 53.26
CA VAL A 165 -0.12 -31.37 52.49
CA GLU A 166 0.66 -35.05 52.59
CA SER A 167 4.38 -35.12 53.44
CA LYS A 168 6.35 -34.11 56.51
CA GLU A 169 8.71 -32.00 54.40
CA GLU A 170 5.85 -30.11 52.86
CA GLU A 171 4.26 -29.79 56.32
CA GLU A 172 7.39 -28.26 57.84
CA ILE A 173 7.67 -25.83 54.94
CA VAL A 174 3.98 -24.70 54.89
CA SER A 175 4.01 -24.36 58.69
CA ARG A 176 7.06 -22.07 58.36
CA VAL A 177 5.90 -20.01 55.35
CA LYS A 178 5.30 -16.41 56.43
CA TYR A 179 5.98 -14.44 53.20
CA LEU A 180 4.82 -14.77 49.57
CA ILE A 181 6.46 -12.82 46.74
CA ILE A 182 4.77 -12.55 43.32
CA ALA A 183 7.17 -11.13 40.69
CA GLY A 184 4.85 -9.63 38.10
CA ASP A 185 2.38 -10.40 35.31
CA VAL A 186 -0.24 -11.44 37.85
CA VAL A 187 -2.91 -10.86 35.21
CA ASP A 188 -2.62 -11.34 31.49
CA GLY A 189 -3.71 -7.76 30.77
CA ILE A 190 -5.52 -6.21 27.81
CA GLY A 191 -4.14 -5.21 24.41
CA ILE A 192 -0.59 -6.35 25.15
CA TYR A 193 -0.21 -7.64 21.60
CA PRO A 194 -2.57 -7.68 18.59
CA GLY A 195 -4.92 -10.65 18.61
CA GLN A 196 -4.57 -11.18 22.37
CA TYR A 197 -8.38 -10.96 22.73
CA SER A 198 -8.77 -14.30 20.88
CA ASP A 199 -6.71 -15.83 23.70
CA LEU A 200 -8.38 -14.04 26.57
CA VAL A 201 -10.62 -16.22 28.61
CA ILE A 202 -11.25 -13.39 31.01
CA PRO A 203 -11.33 -10.39 28.67
CA ASP A 204 -12.05 -8.03 31.55
CA ILE A 205 -9.43 -6.36 33.69
CA PHE A 206 -11.86 -6.03 36.61
CA ASP A 207 -12.76 -9.69 36.35
CA GLN A 208 -9.07 -10.58 36.02
CA TYR A 209 -8.12 -8.80 39.23
CA GLU A 210 -11.33 -10.02 40.88
CA ALA A 211 -10.69 -13.64 39.87
CA LEU A 212 -7.11 -13.21 40.93
CA ALA A 213 -8.19 -11.72 44.28
CA ASN A 214 -10.65 -14.61 44.68
CA LEU A 215 -7.76 -17.03 44.32
CA LEU A 216 -5.36 -14.97 46.49
CA ALA A 217 -8.03 -14.68 49.18
CA ASN A 218 -7.31 -18.33 50.02
CA VAL A 219 -3.73 -17.48 51.06
CA PRO A 220 -3.27 -17.92 54.86
CA GLU A 221 -3.22 -14.77 56.99
CA HIS A 222 0.10 -15.78 58.55
CA ILE A 223 1.62 -15.46 55.08
CA THR A 224 2.51 -11.90 54.06
CA MET A 225 1.97 -11.18 50.37
CA PHE A 226 4.21 -8.83 48.38
CA ILE A 227 2.67 -8.08 44.98
CA GLY A 228 4.73 -6.41 42.28
CA PRO A 229 3.67 -5.57 38.71
CA GLY A 230 4.94 -7.01 35.42
CA ASN A 231 4.81 -5.97 31.78
CA ALA A 232 1.35 -7.48 31.33
CA ASP A 233 -0.03 -5.88 34.48
CA ALA A 234 -2.10 -2.70 34.72
CA ALA A 235 0.70 -0.39 35.86
CA ARG A 236 3.03 2.28 34.47
CA PRO A 237 4.72 0.94 31.27
CA ALA A 238 8.13 2.08 32.45
CA ILE A 239 10.31 1.64 35.51
CA PRO A 240 10.08 2.48 38.32
CA GLN A 241 6.48 1.36 38.75
CA PRO A 242 4.91 2.90 41.90
CA GLU A 243 1.98 0.47 42.20
CA PHE A 244 -0.99 -0.99 40.28
CA TYR A 245 -3.78 0.97 38.64
CA LYS A 246 -6.23 1.10 41.55
CA GLU A 247 -9.28 1.51 39.28
CA TYR A 248 -8.77 -1.91 37.73
CA ALA A 249 -6.62 -3.72 40.28
CA LYS A 250 -8.70 -2.69 43.34
CA PRO A 251 -9.80 -6.25 44.48
CA ILE A 252 -6.22 -7.43 45.19
CA TYR A 253 -5.39 -4.19 47.07
CA LYS A 254 -8.09 -5.15 49.58
CA LEU A 255 -6.41 -8.42 50.60
CA LYS A 256 -5.68 -8.35 54.35
CA ASN A 257 -2.29 -10.05 54.11
CA ALA A 258 -1.12 -8.36 50.92
CA ILE A 259 1.37 -5.50 50.63
CA ILE A 260 1.62 -3.70 47.30
CA ILE A 261 5.30 -2.98 46.70
CA SER A 262 6.80 -0.89 43.97
CA ASN A 263 8.67 -2.15 40.91
CA PRO A 264 11.47 -2.21 41.81
CA ALA A 265 11.57 -2.82 45.53
CA VAL A 266 14.05 -4.18 48.06
CA ILE A 267 12.34 -6.13 50.84
CA ARG A 268 14.34 -6.86 53.97
CA LEU A 269 12.96 -10.10 55.42
CA HIS A 270 14.54 -11.06 58.76
CA GLY A 271 17.50 -8.88 57.86
CA ARG A 272 17.88 -10.22 54.30
CA ASP A 273 17.42 -7.83 51.38
CA PHE A 274 15.48 -9.57 48.62
CA LEU A 275 15.53 -7.48 45.42
CA ILE A 276 12.55 -8.32 43.17
CA ALA A 277 12.45 -7.15 39.52
CA HIS A 278 10.41 -8.18 36.46
CA GLY A 279 13.30 -9.18 34.25
CA ARG A 280 13.25 -6.79 31.27
CA GLY A 281 17.10 -6.78 31.18
CA ILE A 282 17.48 -10.52 30.39
CA GLU A 283 16.25 -9.71 26.89
CA ASP A 284 18.95 -7.01 26.62
CA VAL A 285 21.75 -9.43 27.53
CA VAL A 286 20.59 -12.32 25.31
CA SER A 287 20.10 -10.01 22.34
CA PHE A 288 23.34 -8.10 22.76
CA VAL A 289 25.61 -10.88 24.11
CA PRO A 290 25.91 -13.84 21.68
CA GLY A 291 26.42 -17.16 23.42
CA LEU A 292 24.21 -16.02 26.22
CA THR A 293 20.66 -17.15 25.55
CA HIS A 294 17.46 -18.26 27.25
CA HIS A 295 16.82 -21.77 28.71
CA LYS A 296 19.24 -20.39 31.35
CA PRO A 297 18.43 -16.72 32.13
CA GLY A 298 20.47 -17.12 35.36
CA LEU A 299 23.74 -16.27 33.60
CA PRO A 300 22.35 -13.12 31.83
CA MET A 301 21.01 -12.19 35.30
CA VAL A 302 24.61 -12.58 36.53
CA GLU A 303 25.75 -10.23 33.76
CA LEU A 304 23.31 -7.60 35.00
CA LEU A 305 24.44 -8.07 38.61
CA LYS A 306 28.09 -7.75 37.55
CA MET A 307 27.06 -4.68 35.64
CA ARG A 308 24.97 -3.71 38.73
CA HIS A 309 22.21 -2.44 36.42
CA LEU A 310 18.78 -3.75 35.56
CA ALA A 311 18.56 -2.40 31.99
CA PRO A 312 21.67 -0.55 30.80
CA THR A 313 21.13 -0.61 27.00
CA PHE A 314 19.28 2.36 25.43
CA GLY A 315 17.19 2.47 22.25
CA GLY A 316 15.68 -1.01 22.66
CA LYS A 317 12.12 -2.22 23.26
CA VAL A 318 12.76 -1.04 26.89
CA PRO A 319 10.56 2.04 27.44
CA ILE A 320 12.46 4.21 29.91
CA ALA A 321 10.52 6.71 32.01
CA PRO A 322 12.20 10.14 31.87
CA ASP A 323 12.61 10.33 35.62
CA PRO A 324 15.10 12.71 37.32
CA GLU A 325 17.05 9.92 39.07
CA ASP A 326 18.29 6.53 37.86
CA LEU A 327 16.67 4.12 40.34
CA LEU A 328 18.00 1.09 38.45
CA VAL A 329 21.41 1.17 40.08
CA ILE A 330 21.70 -1.71 42.54
CA GLU A 331 22.99 0.55 45.30
CA GLU A 332 23.16 -2.22 47.91
CA VAL A 333 23.93 -5.90 47.52
CA PRO A 334 20.88 -8.17 48.00
CA ASP A 335 20.94 -11.79 49.14
CA LEU A 336 18.47 -13.09 46.59
CA VAL A 337 17.26 -11.80 43.22
CA GLN A 338 13.92 -13.04 41.92
CA MET A 339 12.95 -12.27 38.32
CA GLY A 340 10.21 -13.22 35.82
CA HIS A 341 9.25 -11.96 32.31
CA VAL A 342 11.22 -14.38 30.14
CA HIS A 343 9.06 -17.24 31.48
CA VAL A 344 12.08 -19.60 31.75
CA TYR A 345 13.33 -20.82 35.13
CA ASP A 346 16.98 -20.67 36.24
CA ALA A 347 18.87 -20.23 39.47
CA VAL A 348 22.53 -19.47 40.12
CA VAL A 349 24.50 -18.22 43.12
CA TYR A 350 27.10 -15.52 42.52
CA ARG A 351 29.29 -14.42 45.48
CA GLY A 352 26.66 -15.39 48.02
CA VAL A 353 23.82 -13.75 46.09
CA GLN A 354 21.15 -16.10 44.82
CA LEU A 355 20.06 -15.22 41.31
CA VAL A 356 16.87 -17.08 40.55
CA ASN A 357 14.24 -17.00 37.85
CA SER A 358 10.70 -17.57 39.08
CA ALA A 359 8.76 -20.10 37.01
CA THR A 360 6.01 -18.62 34.84
CA TRP A 361 2.51 -19.87 35.59
CA GLN A 362 1.62 -19.47 31.90
CA ALA A 363 2.05 -22.30 29.38
CA GLN A 364 3.44 -21.61 25.90
CA THR A 365 1.20 -19.16 24.11
CA GLU A 366 0.95 -18.54 20.38
CA PHE A 367 3.07 -15.39 20.76
CA GLN A 368 5.80 -17.19 22.73
CA LYS A 369 5.76 -19.94 20.09
CA MET A 370 6.19 -17.34 17.32
CA VAL A 371 9.07 -15.63 19.12
CA ASN A 372 10.54 -19.06 19.92
CA ILE A 373 10.10 -18.68 23.66
CA VAL A 374 9.90 -22.09 25.34
CA PRO A 375 8.75 -21.41 28.92
CA THR A 376 9.26 -23.46 32.06
CA PRO A 377 5.97 -23.04 33.94
CA ALA A 378 5.29 -24.21 37.50
CA LYS A 379 8.85 -24.53 38.78
CA VAL A 380 8.50 -23.25 42.32
CA PRO A 381 11.77 -22.57 44.18
CA VAL A 382 11.63 -23.30 47.89
CA VAL A 383 13.96 -20.85 49.64
CA ASP A 384 15.15 -21.11 53.21
CA VAL A 385 15.09 -17.35 54.01
CA GLU A 386 17.71 -17.85 56.76
CA SER A 387 20.31 -19.03 54.28
CA ALA A 388 18.57 -17.31 51.29
CA ARG A 389 19.12 -20.47 49.24
CA VAL A 390 16.99 -22.59 46.96
CA VAL A 391 16.47 -25.90 48.71
CA LYS A 392 13.60 -27.40 46.61
CA VAL A 393 11.66 -26.98 43.39
CA LEU A 394 7.92 -27.72 43.59
CA ASP A 395 6.46 -29.49 40.52
CA PHE A 396 2.65 -29.33 40.09
CA SER A 397 2.78 -29.98 36.30
CA GLY A 398 1.23 -33.38 37.04
CA TRP A 399 -1.98 -31.41 37.55
CA CYS A 400 -1.69 -30.16 33.96
CA PRO B 4 -12.86 0.19 -43.27
CA LYS B 5 -11.12 2.22 -45.93
CA GLU B 6 -11.31 5.46 -43.94
CA MET B 7 -9.44 3.79 -41.08
CA GLU B 8 -6.41 3.04 -43.25
CA GLU B 9 -6.54 6.19 -45.38
CA TYR B 10 -6.91 8.15 -42.16
CA PHE B 11 -3.75 6.45 -40.91
CA GLU B 12 -2.06 7.46 -44.15
CA MET B 13 -2.99 11.10 -43.61
CA LEU B 14 -1.68 11.00 -40.04
CA GLN B 15 1.49 9.34 -41.31
CA ARG B 16 2.02 12.16 -43.80
CA GLU B 17 1.75 14.74 -41.01
CA ILE B 18 4.16 12.61 -38.96
CA ASP B 19 6.65 12.61 -41.81
CA LYS B 20 6.15 16.37 -42.21
CA ALA B 21 7.15 17.08 -38.62
CA TYR B 22 9.84 14.42 -39.06
CA GLU B 23 11.43 16.45 -41.82
CA ILE B 24 11.23 19.48 -39.54
CA ALA B 25 13.07 17.35 -36.99
CA LYS B 26 15.64 16.36 -39.61
CA LYS B 27 16.32 20.04 -40.15
CA ALA B 28 16.57 20.89 -36.48
CA ARG B 29 18.67 17.86 -35.58
CA ALA B 30 20.56 18.61 -38.80
CA GLN B 31 21.50 21.98 -37.28
CA GLY B 32 24.33 20.21 -35.45
CA LYS B 33 23.35 21.82 -32.13
CA ASP B 34 22.84 18.29 -30.78
CA PRO B 35 25.14 15.30 -30.77
CA SER B 36 22.55 13.89 -33.17
CA LEU B 37 22.27 15.20 -36.68
CA ASP B 38 19.21 12.99 -37.10
CA VAL B 39 15.96 11.76 -35.59
CA GLU B 40 16.31 9.35 -32.68
CA ILE B 41 12.75 7.94 -33.05
CA PRO B 42 12.25 6.06 -36.33
CA GLN B 43 8.48 5.31 -35.78
CA ALA B 44 8.28 1.56 -35.29
CA THR B 45 5.05 0.13 -36.62
CA ASP B 46 4.77 -3.19 -34.82
CA MET B 47 6.24 -5.26 -32.02
CA ALA B 48 8.91 -6.55 -34.42
CA GLY B 49 10.05 -3.03 -35.25
CA ARG B 50 10.16 -2.42 -31.52
CA VAL B 51 12.36 -5.50 -31.14
CA GLU B 52 14.93 -4.56 -33.74
CA SER B 53 14.51 -0.91 -32.75
CA LEU B 54 14.88 -1.36 -29.02
CA VAL B 55 17.42 -4.21 -28.74
CA GLY B 56 18.22 -5.35 -32.28
CA PRO B 57 19.62 -7.72 -33.62
CA PRO B 58 20.21 -6.30 -37.15
CA GLY B 59 17.73 -7.43 -39.79
CA VAL B 60 15.48 -9.37 -37.46
CA ALA B 61 12.05 -7.70 -37.57
CA LYS B 62 11.05 -9.03 -40.99
CA ARG B 63 11.96 -12.50 -39.75
CA ILE B 64 9.87 -11.82 -36.63
CA ARG B 65 6.84 -10.82 -38.70
CA GLU B 66 7.32 -13.99 -40.73
CA LEU B 67 7.67 -16.25 -37.73
CA VAL B 68 4.75 -14.82 -35.78
CA LYS B 69 2.93 -14.72 -39.13
CA GLU B 70 3.41 -18.50 -39.26
CA TYR B 71 3.61 -19.57 -35.64
CA GLY B 72 2.18 -16.82 -33.51
CA LYS B 73 4.32 -15.16 -30.88
CA GLU B 74 4.92 -18.17 -28.66
CA ILE B 75 6.72 -20.57 -30.97
CA ALA B 76 8.43 -17.70 -32.82
CA ALA B 77 10.08 -16.39 -29.65
CA LEU B 78 11.82 -19.74 -29.27
CA LYS B 79 12.72 -19.59 -32.96
CA ILE B 80 14.42 -16.27 -32.20
CA VAL B 81 16.30 -17.90 -29.30
CA ASP B 82 17.39 -20.64 -31.70
CA GLU B 83 18.53 -18.30 -34.50
CA ILE B 84 20.47 -16.08 -32.10
CA ILE B 85 22.06 -19.14 -30.44
CA GLU B 86 22.68 -20.53 -33.93
CA GLY B 87 24.39 -17.22 -34.68
CA LYS B 88 22.19 -15.17 -36.95
CA PHE B 89 21.64 -11.43 -37.44
CA GLY B 90 25.33 -10.80 -36.72
CA ASP B 91 28.17 -12.86 -35.24
CA LEU B 92 27.55 -11.75 -31.68
CA GLY B 93 30.83 -13.11 -30.35
CA SER B 94 30.97 -14.72 -26.92
CA ARG B 95 28.25 -16.84 -25.39
CA GLU B 96 27.18 -13.93 -23.19
CA LYS B 97 26.60 -11.90 -26.36
CA TYR B 98 24.52 -14.50 -28.18
CA ALA B 99 23.06 -15.12 -24.72
CA GLU B 100 22.24 -11.59 -23.59
CA GLN B 101 21.17 -10.65 -27.11
CA ALA B 102 18.69 -13.52 -26.92
CA VAL B 103 17.81 -12.35 -23.39
CA ARG B 104 16.91 -8.79 -24.15
CA THR B 105 15.64 -9.82 -27.57
CA ALA B 106 13.47 -12.79 -26.61
CA LEU B 107 12.53 -11.16 -23.32
CA ALA B 108 11.55 -8.10 -25.34
CA ILE B 109 9.37 -10.45 -27.38
CA LEU B 110 7.80 -11.88 -24.27
CA THR B 111 7.54 -8.59 -22.42
CA GLU B 112 5.87 -7.37 -25.65
CA GLY B 113 7.23 -3.81 -25.42
CA ILE B 114 5.22 -3.13 -22.27
CA VAL B 115 7.51 -3.21 -19.22
CA SER B 116 11.00 -1.95 -18.27
CA ALA B 117 12.66 -5.39 -18.07
CA PRO B 118 15.00 -6.22 -20.99
CA ILE B 119 16.77 -2.89 -21.27
CA GLU B 120 16.64 -1.55 -17.77
CA GLY B 121 14.81 -3.90 -15.42
CA ILE B 122 17.80 -6.14 -16.07
CA ALA B 123 21.07 -5.21 -14.49
CA ASN B 124 23.21 -7.87 -16.19
CA VAL B 125 23.26 -11.30 -17.79
CA LYS B 126 26.35 -13.22 -16.71
CA ILE B 127 27.68 -16.80 -16.73
CA LYS B 128 28.82 -18.47 -13.51
CA ARG B 129 30.06 -21.95 -12.63
CA ASN B 130 29.06 -24.36 -9.85
CA THR B 131 32.69 -24.42 -8.71
CA TRP B 132 31.87 -25.48 -5.16
CA ALA B 133 29.63 -28.15 -6.67
CA ASP B 134 31.16 -29.37 -9.92
CA ASN B 135 32.53 -26.29 -11.84
CA SER B 136 29.58 -26.64 -14.20
CA GLU B 137 28.48 -23.54 -16.11
CA TYR B 138 25.15 -22.01 -15.18
CA LEU B 139 23.49 -18.66 -15.83
CA ALA B 140 23.51 -15.72 -13.39
CA LEU B 141 20.79 -13.10 -13.76
CA TYR B 142 21.05 -9.60 -12.27
CA TYR B 143 18.05 -7.30 -11.88
CA ALA B 144 17.85 -3.58 -11.44
CA GLY B 145 15.32 -2.57 -8.73
CA PRO B 146 12.95 -1.04 -11.30
CA ILE B 147 12.36 -4.61 -12.31
CA ARG B 148 9.53 -3.82 -9.89
CA SER B 149 8.82 -1.05 -12.39
CA SER B 150 9.00 -3.90 -14.91
CA GLY B 151 6.04 -5.39 -13.04
CA GLY B 152 5.07 -8.74 -11.63
CA THR B 153 3.96 -10.79 -14.60
CA ALA B 154 7.22 -11.44 -16.54
CA GLN B 155 9.05 -12.12 -13.25
CA ALA B 156 8.07 -15.79 -13.61
CA LEU B 157 8.93 -15.67 -17.31
CA SER B 158 12.39 -14.48 -16.28
CA VAL B 159 12.83 -17.94 -14.84
CA LEU B 160 11.15 -19.59 -17.80
CA VAL B 161 13.19 -18.20 -20.69
CA GLY B 162 16.21 -18.66 -18.46
CA ASP B 163 15.33 -22.34 -18.41
CA TYR B 164 15.02 -22.43 -22.15
CA VAL B 165 18.23 -20.74 -23.24
CA ARG B 166 20.46 -22.87 -21.01
CA ARG B 167 18.60 -25.89 -22.38
CA LYS B 168 19.50 -24.72 -25.88
CA LEU B 169 23.11 -23.76 -25.15
CA GLY B 170 23.64 -27.12 -23.50
CA LEU B 171 24.41 -25.37 -20.23
CA ASP B 172 24.17 -27.18 -16.92
CA ARG B 173 21.01 -27.26 -14.84
CA PHE B 174 21.28 -25.18 -11.67
CA LYS B 175 22.87 -26.76 -8.61
CA PRO B 176 21.47 -25.35 -5.34
CA SER B 177 24.10 -26.59 -2.92
CA GLU B 178 21.45 -26.48 -0.25
CA LYS B 179 22.70 -23.37 1.56
CA HIS B 180 21.48 -21.53 -1.55
CA ILE B 181 18.01 -22.87 -0.73
CA GLU B 182 18.56 -21.96 2.92
CA ARG B 183 19.38 -18.34 2.18
CA MET B 184 16.52 -18.19 -0.35
CA VAL B 185 13.90 -19.47 2.12
CA GLU B 186 15.53 -17.15 4.66
CA GLU B 187 15.06 -14.16 2.37
CA VAL B 188 11.45 -15.19 1.75
CA ASP B 189 10.84 -14.92 5.49
CA LEU B 190 12.73 -11.60 5.63
CA TYR B 191 10.90 -10.10 2.67
CA HIS B 192 7.34 -11.12 3.49
CA ARG B 193 7.91 -10.37 7.16
CA ALA B 194 9.76 -7.05 6.78
CA VAL B 195 9.98 -5.18 3.48
CA THR B 196 7.05 -5.70 1.13
CA ARG B 197 3.77 -7.20 2.24
CA LEU B 198 3.11 -10.14 -0.06
CA GLN B 199 -0.26 -10.74 1.66
CA TYR B 200 -0.16 -14.55 1.41
CA HIS B 201 3.01 -15.78 3.15
CA PRO B 202 3.99 -18.61 0.80
CA SER B 203 5.16 -21.45 2.96
CA PRO B 204 8.93 -21.97 3.34
CA GLU B 205 8.40 -25.48 1.99
CA GLU B 206 6.93 -24.01 -1.20
CA VAL B 207 10.17 -22.10 -1.53
CA ARG B 208 11.97 -25.37 -0.95
CA LEU B 209 10.11 -27.22 -3.72
CA ALA B 210 10.74 -24.28 -6.02
CA MET B 211 14.38 -24.04 -4.93
CA ARG B 212 14.80 -27.74 -5.53
CA ASN B 213 13.40 -27.20 -9.00
CA ILE B 214 14.18 -23.69 -10.26
CA PRO B 215 16.65 -23.51 -13.18
CA ILE B 216 19.63 -21.14 -13.37
CA GLU B 217 20.37 -18.33 -10.94
CA ILE B 218 17.69 -15.75 -10.20
CA THR B 219 19.18 -12.90 -8.15
CA GLY B 220 19.70 -9.14 -8.26
CA GLU B 221 22.02 -6.42 -7.00
CA ALA B 222 21.63 -5.28 -3.37
CA THR B 223 18.00 -4.21 -3.27
CA ASP B 224 17.44 -4.00 0.49
CA ASP B 225 20.18 -3.55 3.08
CA VAL B 226 18.83 -6.34 5.26
CA GLU B 227 21.46 -8.94 6.11
CA VAL B 228 20.87 -12.70 5.98
CA SER B 229 21.68 -15.53 8.40
CA HIS B 230 22.77 -18.19 5.88
CA ARG B 231 25.82 -16.08 5.18
CA ASP B 232 28.63 -16.66 2.65
CA VAL B 233 26.86 -19.39 0.69
CA PRO B 234 29.49 -20.97 -1.64
CA GLY B 235 29.51 -18.93 -4.83
CA VAL B 236 27.16 -16.21 -3.54
CA GLU B 237 28.61 -12.70 -3.68
CA THR B 238 26.60 -10.97 -0.93
CA ASN B 239 24.59 -11.58 2.22
CA GLN B 240 21.77 -9.04 1.90
CA LEU B 241 18.33 -8.85 0.27
CA ARG B 242 18.42 -8.98 -3.51
CA GLY B 243 14.65 -8.75 -3.46
CA GLY B 244 14.13 -8.99 -7.21
CA ALA B 245 14.45 -12.76 -6.89
CA ILE B 246 11.90 -12.59 -4.06
CA LEU B 247 9.52 -10.67 -6.32
CA VAL B 248 10.14 -13.23 -9.07
CA LEU B 249 9.09 -15.77 -6.47
CA ALA B 250 6.39 -13.64 -4.88
CA GLU B 251 4.90 -11.14 -7.30
CA GLY B 252 5.90 -13.57 -10.07
CA VAL B 253 5.10 -17.24 -9.61
CA LEU B 254 2.51 -17.06 -6.83
CA GLN B 255 -0.41 -14.99 -8.06
CA LYS B 256 -0.10 -15.52 -11.81
CA ALA B 257 0.63 -19.21 -11.33
CA LYS B 258 -2.47 -19.66 -13.46
CA LYS B 259 -1.06 -17.22 -15.97
CA LEU B 260 2.37 -18.82 -15.75
CA VAL B 261 0.99 -22.19 -16.71
CA LYS B 262 -0.98 -20.37 -19.38
CA TYR B 263 2.42 -19.53 -20.83
CA ILE B 264 3.67 -23.07 -20.19
CA ASP B 265 0.66 -24.59 -21.87
CA LYS B 266 0.88 -22.11 -24.74
CA MET B 267 4.35 -23.42 -25.38
CA GLY B 268 4.16 -27.00 -24.07
CA ILE B 269 7.20 -26.93 -21.82
CA GLU B 270 8.73 -29.95 -20.11
CA GLY B 271 9.91 -30.38 -16.54
CA TRP B 272 6.98 -28.74 -14.80
CA GLU B 273 4.71 -31.48 -13.44
CA TRP B 274 6.20 -30.53 -10.06
CA LEU B 275 5.03 -27.03 -10.91
CA LYS B 276 1.56 -28.27 -11.87
CA GLU B 277 1.44 -29.92 -8.45
CA PHE B 278 3.05 -26.78 -6.99
CA VAL B 279 0.41 -24.40 -8.32
CA GLU B 280 -2.24 -26.89 -7.28
CA ALA B 281 -0.30 -27.26 -4.02
CA LYS B 282 -0.79 -23.52 -3.54
CA GLU B 283 -4.52 -24.07 -4.13
CA ASP B 309 -43.78 -26.02 -0.47
CA MET B 310 -41.20 -23.24 -0.36
CA GLY B 311 -41.72 -19.79 -1.80
CA PHE B 312 -39.89 -18.97 -5.00
CA TYR B 313 -38.88 -15.67 -3.48
CA TYR B 314 -38.31 -17.51 -0.21
CA SER B 315 -36.05 -20.06 -1.91
CA LEU B 316 -34.59 -17.12 -3.77
CA TYR B 317 -33.57 -15.69 -0.40
CA GLN B 318 -32.20 -19.13 0.42
CA LYS B 319 -30.11 -19.46 -2.76
CA PHE B 320 -29.32 -15.78 -2.46
CA LYS B 321 -27.56 -16.41 0.82
CA GLU B 322 -26.17 -19.74 -0.39
CA GLU B 323 -23.99 -18.81 -3.32
CA ILE B 324 -23.33 -15.23 -2.23
CA ALA B 325 -21.49 -13.77 0.72
CA PRO B 326 -20.45 -10.12 0.90
CA SER B 327 -17.00 -9.61 -0.55
CA ASP B 328 -15.55 -8.31 2.71
CA LYS B 329 -11.82 -8.67 1.81
CA TYR B 330 -11.58 -5.14 0.40
CA ALA B 331 -14.03 -4.06 3.09
CA LYS B 332 -11.52 -5.27 5.66
CA GLU B 333 -8.83 -3.44 3.70
CA VAL B 334 -10.85 -0.27 4.08
CA ILE B 335 -11.14 -1.17 7.79
CA GLY B 336 -7.39 -0.81 7.47
CA GLY B 337 -7.38 2.51 5.63
CA ARG B 338 -9.74 5.25 4.32
CA SER B 345 -15.34 7.90 3.14
CA LYS B 346 -17.69 5.09 4.16
CA PRO B 347 -20.69 4.21 1.98
CA GLY B 348 -23.33 1.62 2.67
CA GLY B 349 -24.80 -0.74 0.11
CA PHE B 350 -26.33 -0.23 -3.32
CA ARG B 351 -28.43 -1.71 -6.08
CA LEU B 352 -26.72 -2.27 -9.40
CA ARG B 353 -27.49 -2.57 -13.08
CA TYR B 354 -25.91 -4.82 -15.70
CA GLY B 355 -26.07 -4.25 -19.39
CA ARG B 356 -23.25 -2.79 -21.46
CA SER B 357 -25.39 -0.78 -23.86
CA ARG B 358 -24.61 2.80 -24.82
CA ALA B 359 -21.16 2.14 -26.36
CA SER B 360 -19.99 3.26 -22.94
CA GLY B 361 -18.55 0.81 -20.45
CA PHE B 362 -17.26 -2.53 -21.60
CA ALA B 363 -15.55 -2.05 -18.26
CA THR B 364 -15.10 0.23 -15.30
CA TRP B 365 -18.38 1.94 -14.59
CA GLY B 366 -21.81 3.51 -14.68
CA ILE B 367 -22.68 6.20 -12.07
CA ASN B 368 -25.67 8.51 -12.10
CA PRO B 369 -24.89 12.22 -11.74
CA ALA B 370 -28.04 12.19 -9.63
CA THR B 371 -26.17 10.12 -7.08
CA MET B 372 -23.13 12.24 -7.60
CA ILE B 373 -25.03 15.25 -6.30
CA LEU B 374 -26.36 13.86 -3.06
CA VAL B 375 -23.35 11.63 -2.45
CA ASP B 376 -20.12 12.63 -4.21
CA GLU B 377 -19.60 15.30 -1.60
CA PHE B 378 -16.07 15.60 -0.29
CA LEU B 379 -13.04 17.88 0.21
CA ALA B 380 -10.82 19.59 -2.27
CA ILE B 381 -9.51 16.03 -2.62
CA GLY B 382 -12.19 15.41 -5.25
CA THR B 383 -15.53 13.63 -5.42
CA GLN B 384 -15.56 11.73 -8.72
CA LEU B 385 -13.06 9.12 -7.63
CA LYS B 386 -11.79 5.57 -8.35
CA THR B 387 -13.13 2.91 -5.96
CA GLU B 388 -14.49 -0.67 -5.79
CA ARG B 389 -17.55 -2.92 -5.12
CA PRO B 390 -17.62 -5.88 -4.70
CA GLY B 391 -14.15 -6.26 -6.10
CA LYS B 392 -12.88 -4.43 -9.17
CA GLY B 393 -10.87 -1.25 -9.46
CA ALA B 394 -12.62 1.42 -11.43
CA VAL B 395 -13.48 5.05 -12.00
CA VAL B 396 -16.69 7.14 -11.68
CA THR B 397 -18.44 7.13 -15.06
CA PRO B 398 -21.55 9.30 -15.58
CA VAL B 399 -24.97 8.15 -16.81
CA THR B 400 -27.19 10.48 -18.83
CA THR B 401 -30.13 8.08 -18.75
CA ILE B 402 -30.99 6.00 -15.66
CA GLU B 403 -32.67 6.37 -12.25
CA GLY B 404 -31.08 6.38 -8.81
CA PRO B 405 -31.69 6.58 -5.08
CA ILE B 406 -34.80 7.08 -3.01
CA VAL B 407 -34.67 9.32 0.03
CA LYS B 408 -36.69 10.14 3.07
CA LEU B 409 -37.45 13.80 3.49
CA LYS B 410 -36.97 15.55 6.81
CA ASP B 411 -40.70 15.97 7.46
CA GLY B 412 -41.27 12.24 7.11
CA SER B 413 -42.17 12.36 3.45
CA VAL B 414 -40.41 10.00 1.06
CA LEU B 415 -39.16 10.93 -2.38
CA ARG B 416 -37.56 8.99 -5.18
CA VAL B 417 -34.75 11.32 -6.21
CA ASP B 418 -33.34 10.40 -9.60
CA ASP B 419 -32.37 13.62 -11.41
CA TYR B 420 -29.75 16.27 -11.59
CA ASN B 421 -31.69 19.39 -10.80
CA LEU B 422 -34.11 18.46 -8.04
CA ALA B 423 -31.27 16.67 -6.26
CA LEU B 424 -29.49 20.00 -6.47
CA LYS B 425 -32.64 21.64 -5.12
CA VAL B 426 -33.24 19.42 -2.09
CA ARG B 427 -29.66 18.31 -1.37
CA GLU B 428 -29.80 20.70 1.61
CA ASP B 429 -32.68 18.85 3.29
CA VAL B 430 -31.79 15.20 2.77
CA GLU B 431 -32.92 13.06 5.70
CA GLU B 432 -32.05 9.49 4.69
CA ILE B 433 -31.46 7.84 1.34
CA LEU B 434 -33.76 4.90 1.80
CA TYR B 435 -32.97 2.89 -1.30
CA LEU B 436 -29.41 3.20 -2.23
CA GLY B 437 -28.86 4.39 -5.80
CA ASP B 438 -29.14 2.61 -9.12
CA ALA B 439 -25.62 2.18 -10.48
CA VAL B 440 -24.74 0.61 -13.79
CA ILE B 441 -22.21 -2.18 -13.74
CA ALA B 442 -20.56 -2.99 -17.02
CA PHE B 443 -21.90 -6.47 -17.55
CA GLY B 444 -18.65 -7.69 -19.09
CA ASP B 445 -16.59 -6.85 -16.01
CA PHE B 446 -15.97 -10.02 -13.98
CA VAL B 447 -15.00 -11.81 -17.26
CA GLU B 448 -11.70 -13.04 -15.89
CA ASN B 449 -13.03 -13.45 -12.37
CA ASN B 450 -16.71 -14.38 -12.71
CA GLN B 451 -17.81 -13.98 -9.13
CA THR B 452 -21.59 -13.86 -8.87
CA LEU B 453 -24.33 -12.67 -11.16
CA LEU B 454 -27.34 -11.35 -9.30
CA PRO B 455 -30.77 -12.00 -10.85
CA ALA B 456 -32.16 -9.40 -13.21
CA ASN B 457 -34.05 -7.23 -10.79
CA TYR B 458 -37.29 -6.41 -12.44
CA CYS B 459 -36.44 -3.84 -15.06
CA GLU B 460 -38.05 -2.00 -17.94
CA GLU B 461 -35.36 -3.21 -20.34
CA TRP B 462 -36.54 -6.78 -19.98
CA TRP B 463 -40.13 -5.71 -19.39
CA ILE B 464 -40.17 -4.30 -22.88
CA LEU B 465 -38.80 -7.62 -24.06
CA GLU B 466 -41.87 -9.07 -22.32
CA PHE B 467 -43.84 -6.44 -24.18
CA VAL B 468 -42.71 -7.14 -27.75
CA LYS B 469 -42.59 -10.74 -26.58
CA ALA B 470 -46.28 -10.48 -25.72
CA LEU B 471 -47.10 -8.96 -29.07
CA LYS B 472 -45.26 -12.00 -30.36
CA GLU B 473 -47.62 -13.96 -28.10
CA ILE B 474 -50.94 -12.43 -28.99
CA TYR B 475 -50.56 -10.90 -32.44
CA GLU B 476 -47.21 -12.51 -33.41
CA VAL B 477 -45.71 -9.04 -33.79
CA HIS B 478 -41.91 -9.15 -33.64
CA LEU B 479 -40.44 -5.80 -32.66
CA GLU B 480 -37.05 -4.49 -31.60
CA PRO B 481 -36.39 -1.63 -29.16
CA PHE B 482 -34.11 1.29 -30.06
CA THR B 483 -34.94 0.82 -33.74
CA GLU B 484 -37.72 1.89 -36.01
CA ASN B 485 -39.73 -1.24 -36.72
CA GLU B 486 -42.50 -1.51 -39.28
CA GLU B 487 -44.88 1.44 -39.28
CA GLU B 488 -47.68 -1.01 -40.15
CA SER B 489 -46.97 -3.14 -37.08
CA ILE B 490 -47.07 0.06 -35.01
CA GLU B 491 -50.48 0.68 -36.52
CA GLU B 492 -51.52 -2.92 -35.75
CA ALA B 493 -50.72 -2.79 -32.05
CA SER B 494 -52.05 0.75 -32.10
CA ASP B 495 -55.31 -0.85 -33.17
CA TYR B 496 -55.28 -3.68 -30.66
CA LEU B 497 -54.11 -1.52 -27.77
CA GLU B 498 -55.96 1.68 -28.76
CA ILE B 499 -52.89 3.87 -28.33
CA ASP B 500 -50.71 6.53 -29.83
CA PRO B 501 -48.63 4.96 -32.61
CA GLU B 502 -46.08 7.71 -32.12
CA PHE B 503 -45.64 7.15 -28.40
CA LEU B 504 -45.37 3.49 -29.36
CA LYS B 505 -42.54 4.16 -31.82
CA GLU B 506 -40.67 6.43 -29.42
CA MET B 507 -41.21 3.85 -26.71
CA LEU B 508 -39.42 1.38 -28.95
CA ARG B 509 -36.74 3.86 -29.93
CA ASP B 510 -36.10 5.19 -26.43
CA PRO B 511 -37.69 2.98 -23.80
CA LEU B 512 -35.17 4.47 -21.36
CA ARG B 513 -37.05 7.75 -21.45
CA VAL B 514 -40.43 7.13 -23.12
CA LYS B 515 -42.61 5.67 -20.36
CA PRO B 516 -46.29 4.63 -20.23
CA PRO B 517 -48.49 5.68 -17.30
CA VAL B 518 -49.58 3.31 -14.57
CA GLU B 519 -53.12 2.69 -15.81
CA LEU B 520 -51.92 1.93 -19.31
CA ALA B 521 -49.41 -0.45 -17.84
CA ILE B 522 -52.56 -1.93 -16.37
CA HIS B 523 -53.77 -1.86 -19.94
CA PHE B 524 -50.61 -3.81 -20.76
CA SER B 525 -51.19 -6.38 -18.06
CA GLU B 526 -54.84 -6.08 -19.05
CA VAL B 527 -54.16 -7.05 -22.65
CA LEU B 528 -50.68 -8.45 -23.15
CA GLY B 529 -50.64 -10.50 -19.94
CA ILE B 530 -47.34 -9.06 -18.77
CA PRO B 531 -46.44 -7.82 -15.28
CA LEU B 532 -46.07 -4.16 -14.31
CA HIS B 533 -44.12 -1.50 -16.12
CA PRO B 534 -41.62 -1.72 -13.35
CA TYR B 535 -41.29 1.92 -12.43
CA TYR B 536 -44.24 1.49 -10.13
CA THR B 537 -42.70 -1.44 -8.21
CA LEU B 538 -42.13 -1.12 -4.47
CA TYR B 539 -40.14 -3.44 -2.23
CA TRP B 540 -42.89 -5.75 -1.21
CA ASN B 541 -40.26 -8.44 -0.78
CA SER B 542 -38.50 -6.10 1.64
CA VAL B 543 -41.64 -6.46 3.81
CA GLU B 544 -42.98 -9.28 5.93
CA PRO B 545 -46.27 -10.84 4.99
CA LYS B 546 -47.25 -9.90 8.55
CA ASP B 547 -47.24 -6.17 8.03
CA VAL B 548 -48.97 -6.37 4.68
CA GLU B 549 -51.71 -8.28 6.45
CA LYS B 550 -51.54 -5.57 9.13
CA LEU B 551 -51.69 -2.60 6.82
CA TRP B 552 -54.22 -4.48 4.69
CA ARG B 553 -56.37 -4.25 7.79
CA LEU B 554 -55.42 -0.63 8.49
CA LEU B 555 -56.37 0.43 4.99
CA LYS B 556 -59.35 -1.90 4.96
CA ASN B 557 -60.67 -0.08 8.02
CA TYR B 558 -59.40 3.46 7.62
CA ALA B 559 -58.65 4.46 4.03
CA GLU B 560 -60.75 7.24 2.45
CA ILE B 561 -60.19 6.43 -1.20
CA GLU B 562 -60.94 8.31 -4.37
CA TRP B 563 -61.87 6.14 -7.31
CA SER B 564 -62.22 6.20 -11.08
CA ASN B 565 -62.22 3.76 -13.96
CA PHE B 566 -60.65 3.51 -17.41
CA ARG B 567 -60.71 0.55 -19.87
CA GLY B 568 -62.30 -1.62 -17.19
CA ILE B 569 -59.47 -0.71 -14.81
CA LYS B 570 -61.35 0.70 -11.83
CA PHE B 571 -58.52 2.51 -10.16
CA ALA B 572 -57.89 4.56 -7.06
CA LYS B 573 -57.09 8.20 -7.33
CA LYS B 574 -56.25 9.64 -3.91
CA ILE B 575 -56.01 8.05 -0.49
CA VAL B 576 -56.36 9.71 2.95
CA ILE B 577 -55.85 7.98 6.29
CA SER B 578 -55.09 9.27 9.76
CA GLN B 579 -51.40 8.96 10.61
CA GLU B 580 -52.36 7.04 13.76
CA LYS B 581 -54.22 4.49 11.66
CA LEU B 582 -51.06 4.06 9.66
CA GLY B 583 -49.03 3.90 12.85
CA ASP B 584 -46.09 1.52 12.72
CA SER B 585 -47.00 0.59 9.17
CA LYS B 586 -45.20 3.79 8.27
CA ARG B 587 -42.19 1.52 8.65
CA THR B 588 -44.00 -0.99 6.44
CA LEU B 589 -44.13 1.79 3.85
CA GLU B 590 -40.47 2.35 4.59
CA LEU B 591 -39.95 -1.26 3.58
CA LEU B 592 -41.89 -0.63 0.38
CA GLY B 593 -40.48 2.66 -0.91
CA LEU B 594 -43.49 4.93 -1.76
CA PRO B 595 -43.49 8.55 -2.93
CA HIS B 596 -46.29 9.96 -0.80
CA THR B 597 -47.34 12.98 1.26
CA VAL B 598 -47.65 13.51 5.02
CA ARG B 599 -50.07 16.26 6.04
CA ASP B 600 -51.47 17.35 9.44
CA GLY B 601 -52.36 14.09 11.11
CA ASN B 602 -53.13 12.55 7.75
CA VAL B 603 -51.27 10.60 5.08
CA ILE B 604 -52.23 11.46 1.54
CA VAL B 605 -51.15 9.30 -1.40
CA ASP B 606 -51.98 10.70 -4.81
CA TYR B 607 -52.04 9.58 -8.38
CA PRO B 608 -50.00 7.79 -9.66
CA TRP B 609 -49.04 6.13 -6.44
CA ALA B 610 -52.60 5.75 -5.15
CA ALA B 611 -53.69 3.64 -8.13
CA ALA B 612 -50.29 1.93 -8.20
CA LEU B 613 -50.61 1.63 -4.44
CA LEU B 614 -53.85 -0.33 -4.27
CA THR B 615 -53.00 -2.51 -7.29
CA PRO B 616 -51.38 -5.73 -5.96
CA LEU B 617 -54.12 -6.46 -3.41
CA GLY B 618 -56.76 -6.32 -6.08
CA ASN B 619 -57.81 -3.09 -4.28
CA LEU B 620 -57.64 -4.64 -0.78
CA ASN B 621 -60.29 -7.15 -1.81
CA TRP B 622 -58.70 -10.47 -1.09
CA GLU B 623 -57.12 -10.27 2.33
CA PHE B 624 -53.38 -10.33 2.55
CA MET B 625 -52.20 -12.73 5.26
CA ALA B 626 -49.00 -13.68 7.02
CA LYS B 627 -47.89 -17.07 5.82
CA PRO B 628 -44.92 -19.34 6.61
CA LEU B 629 -42.42 -20.75 4.07
CA TYR B 630 -43.38 -17.99 1.66
CA ALA B 631 -42.82 -14.37 0.79
CA THR B 632 -45.27 -11.53 0.28
CA ILE B 633 -45.34 -11.57 -3.51
CA ASP B 634 -45.73 -15.34 -3.38
CA ILE B 635 -49.01 -14.68 -1.54
CA ILE B 636 -49.96 -12.04 -4.08
CA ASN B 637 -49.27 -14.40 -7.01
CA GLU B 638 -51.41 -16.85 -5.09
CA ASN B 639 -54.25 -14.48 -4.45
CA ASN B 640 -54.16 -11.59 -6.88
CA GLU B 641 -54.33 -11.83 -10.63
CA ILE B 642 -51.95 -8.90 -10.32
CA LYS B 643 -48.81 -11.00 -10.76
CA LEU B 644 -45.74 -8.75 -10.83
CA ARG B 645 -42.04 -8.96 -9.87
CA ASP B 646 -39.91 -7.17 -7.28
CA ARG B 647 -37.57 -4.51 -8.60
CA GLY B 648 -34.56 -5.45 -6.46
CA ILE B 649 -32.51 -8.11 -4.69
CA SER B 650 -29.08 -6.58 -5.11
CA TRP B 651 -28.19 -5.05 -1.77
CA ILE B 652 -24.68 -5.56 -0.28
CA GLY B 653 -22.54 -3.07 1.66
CA ALA B 654 -19.93 -1.12 -0.25
CA ARG B 655 -16.88 0.99 0.67
CA MET B 656 -14.77 3.90 -0.49
CA GLY B 657 -11.05 3.77 -0.98
CA ARG B 658 -8.58 6.63 -1.28
CA PRO B 659 -7.42 6.73 -4.92
CA GLU B 660 -9.09 9.91 -6.06
CA LYS B 661 -9.47 11.21 -9.59
CA ALA B 662 -7.29 14.11 -8.53
CA LYS B 663 -4.72 11.90 -10.28
CA GLU B 664 -6.63 12.25 -13.54
CA ARG B 665 -3.89 14.61 -14.72
CA LYS B 666 -0.76 16.22 -13.34
CA MET B 667 1.69 18.87 -14.59
CA LYS B 668 4.76 18.52 -12.42
CA PRO B 669 8.46 18.30 -12.65
CA PRO B 670 10.20 19.89 -9.66
CA VAL B 671 12.70 21.37 -12.14
CA GLN B 672 13.05 24.72 -13.93
CA VAL B 673 16.06 23.93 -16.14
CA LEU B 674 18.28 20.85 -16.42
CA PHE B 675 21.70 21.85 -15.14
CA PRO B 676 23.77 20.11 -12.42
CA ILE B 677 24.49 23.00 -10.09
CA GLY B 678 23.52 21.71 -6.68
CA LEU B 679 24.71 23.89 -3.87
CA ALA B 680 25.43 27.18 -5.64
CA GLY B 681 21.83 28.26 -5.33
CA GLY B 682 21.97 25.86 -2.45
CA SER B 683 18.40 25.02 -1.51
CA SER B 684 17.07 25.95 -4.94
CA ARG B 685 20.10 24.98 -7.12
CA ASP B 686 19.49 28.28 -8.89
CA ILE B 687 22.05 29.15 -11.55
CA LYS B 688 20.94 32.80 -11.70
CA LYS B 689 22.15 33.51 -8.16
CA ALA B 690 25.66 32.42 -9.11
CA ALA B 691 25.68 33.94 -12.59
CA GLU B 692 24.72 37.35 -11.23
CA GLU B 693 27.44 36.82 -8.65
CA GLY B 694 29.76 35.42 -11.32
CA LYS B 695 30.40 32.40 -9.08
CA VAL B 696 32.11 29.14 -9.90
CA ALA B 697 30.57 25.71 -9.67
CA GLU B 698 32.93 22.85 -8.94
CA VAL B 699 31.42 19.97 -10.90
CA GLU B 700 32.41 17.18 -13.30
CA ILE B 701 31.92 18.31 -16.90
CA ALA B 702 32.82 17.08 -20.39
CA PHE B 703 34.56 19.74 -22.45
CA PHE B 704 34.56 19.91 -26.19
CA LYS B 705 37.29 21.83 -28.01
CA CYS B 706 37.11 23.94 -31.15
CA PRO B 707 39.96 23.03 -33.48
CA LYS B 708 39.77 26.10 -35.67
CA CYS B 709 40.22 29.14 -33.45
CA GLY B 710 41.47 26.82 -30.76
CA HIS B 711 38.47 27.57 -28.59
CA VAL B 712 37.74 25.38 -25.56
CA GLY B 713 34.37 24.66 -23.98
CA PRO B 714 31.76 21.91 -23.61
CA GLU B 715 29.37 23.21 -26.28
CA HIS B 716 29.09 21.79 -29.81
CA LEU B 717 29.75 24.85 -31.94
CA CYS B 718 32.26 27.64 -31.71
CA PRO B 719 30.95 31.02 -30.51
CA ASN B 720 33.69 32.74 -32.50
CA CYS B 721 34.05 30.68 -35.69
CA GLY B 722 30.86 28.59 -35.70
CA THR B 723 32.84 25.37 -36.10
CA ARG B 724 32.09 22.12 -34.31
CA LYS B 725 34.11 21.44 -31.21
CA GLU B 726 35.93 18.28 -30.16
CA LEU B 727 35.31 16.30 -26.96
CA LEU B 728 38.13 16.16 -24.48
CA TRP B 729 38.82 12.92 -22.64
CA VAL B 730 40.02 12.67 -19.09
CA CYS B 731 42.43 10.33 -17.44
CA PRO B 732 41.54 10.21 -13.74
CA ARG B 733 45.16 9.44 -12.85
CA CYS B 734 47.40 11.79 -14.81
CA ASN B 735 44.47 14.27 -14.98
CA ALA B 736 45.34 14.99 -18.62
CA GLU B 737 42.80 15.75 -21.32
CA TYR B 738 42.77 14.14 -24.74
CA PRO B 739 40.59 15.23 -27.71
CA GLU B 740 37.98 13.00 -29.29
CA SER B 741 39.78 11.66 -32.38
CA GLN B 742 43.00 10.88 -30.52
CA ALA B 743 41.07 9.35 -27.62
CA GLU B 744 39.25 7.32 -30.24
CA GLY B 745 42.65 6.22 -31.52
CA TYR B 746 43.63 5.39 -27.96
CA ASN B 747 40.18 3.78 -27.55
CA TYR B 748 39.60 6.14 -24.60
CA THR B 749 42.53 5.07 -22.43
CA CYS B 750 45.49 7.20 -21.44
CA PRO B 751 48.50 5.06 -22.39
CA LYS B 752 50.65 6.67 -19.72
CA CYS B 753 47.98 6.09 -17.11
CA ASN B 754 46.20 2.97 -18.36
CA VAL B 755 42.87 3.83 -16.72
CA LYS B 756 40.09 4.60 -19.19
CA LEU B 757 39.46 8.10 -20.37
CA ARG B 758 36.47 9.94 -19.07
CA PRO B 759 34.54 12.46 -21.14
CA TYR B 760 34.12 14.63 -18.06
CA ALA B 761 36.23 16.63 -15.66
CA LYS B 762 35.56 18.65 -12.55
CA ARG B 763 35.89 22.05 -14.08
CA LYS B 764 35.18 25.64 -13.17
CA ILE B 765 32.22 27.56 -14.64
CA ARG B 766 31.40 31.23 -14.48
CA PRO B 767 27.79 31.33 -15.72
CA SER B 768 27.83 35.11 -16.21
CA GLU B 769 29.43 34.66 -19.65
CA LEU B 770 27.46 31.55 -20.64
CA LEU B 771 24.60 33.61 -19.28
CA ASN B 772 25.87 36.34 -21.56
CA ARG B 773 25.96 34.17 -24.68
CA ALA B 774 22.55 32.87 -23.65
CA MET B 775 21.49 36.51 -23.77
CA GLU B 776 23.18 36.52 -27.19
CA ASN B 777 20.98 33.61 -28.26
CA VAL B 778 17.41 34.17 -27.06
CA LYS B 779 17.76 37.95 -26.43
CA VAL B 780 15.44 37.85 -23.42
CA TYR B 781 16.39 39.41 -20.12
CA GLY B 782 13.52 39.34 -17.59
CA VAL B 783 13.45 35.65 -16.60
CA ASP B 784 12.02 34.54 -13.27
CA LYS B 785 14.74 32.13 -12.13
CA LEU B 786 17.01 29.67 -13.84
CA LYS B 787 17.06 26.85 -11.31
CA GLY B 788 19.28 24.01 -12.46
CA VAL B 789 19.43 20.51 -11.01
CA MET B 790 21.61 19.06 -8.29
CA GLY B 791 23.39 16.42 -10.37
CA MET B 792 23.28 14.37 -13.55
CA THR B 793 23.16 10.56 -13.59
CA SER B 794 25.06 10.12 -16.82
CA GLY B 795 28.72 9.66 -17.53
CA TRP B 796 28.17 12.34 -20.17
CA LYS B 797 26.74 14.93 -17.72
CA MET B 798 25.52 16.98 -20.69
CA PRO B 799 22.88 19.45 -19.42
CA GLU B 800 20.16 21.50 -21.02
CA PRO B 801 21.24 24.51 -23.07
CA LEU B 802 19.99 27.09 -20.65
CA GLU B 803 18.36 29.49 -23.17
CA LYS B 804 15.53 27.01 -23.44
CA GLY B 805 15.01 27.20 -19.69
CA LEU B 806 15.25 30.96 -19.98
CA LEU B 807 12.29 30.83 -22.32
CA ARG B 808 10.76 28.43 -19.82
CA ALA B 809 11.05 31.09 -17.12
CA LYS B 810 9.56 33.36 -19.76
CA ASN B 811 6.71 30.94 -20.35
CA ASP B 812 6.43 29.45 -16.81
CA VAL B 813 6.97 25.82 -17.78
CA TYR B 814 8.89 23.17 -15.86
CA VAL B 815 11.34 21.01 -17.79
CA PHE B 816 11.01 17.34 -17.20
CA LYS B 817 14.20 15.54 -16.39
CA ASP B 818 14.37 13.98 -19.88
CA GLY B 819 14.54 17.52 -21.28
CA THR B 820 10.89 17.47 -22.29
CA ILE B 821 7.97 18.67 -20.16
CA ARG B 822 5.96 15.53 -19.39
CA PHE B 823 2.23 16.03 -18.79
CA ASP B 824 1.00 13.03 -16.88
CA ALA B 825 -2.68 12.28 -17.33
CA THR B 826 -5.24 9.47 -16.91
CA ASP B 827 -7.43 8.62 -19.94
CA ALA B 828 -10.90 7.13 -20.31
CA PRO B 829 -12.66 5.07 -23.09
CA ILE B 830 -15.80 5.45 -25.45
CA THR B 831 -16.69 4.69 -29.14
CA HIS B 832 -20.00 6.37 -30.05
CA PHE B 833 -20.80 9.90 -28.96
CA ARG B 834 -22.81 13.00 -29.66
CA PRO B 835 -21.51 16.40 -30.77
CA ARG B 836 -23.81 18.06 -28.25
CA GLU B 837 -21.97 16.01 -25.63
CA ILE B 838 -18.64 17.44 -26.80
CA GLY B 839 -19.46 21.07 -27.69
CA VAL B 840 -17.41 21.31 -30.91
CA SER B 841 -18.92 22.66 -34.12
CA VAL B 842 -20.13 20.08 -36.64
CA GLU B 843 -18.22 21.58 -39.53
CA LYS B 844 -14.98 21.52 -37.51
CA LEU B 845 -15.54 17.80 -37.14
CA ARG B 846 -16.46 17.49 -40.82
CA GLU B 847 -13.00 18.88 -41.63
CA LEU B 848 -11.73 15.61 -40.15
CA GLY B 849 -13.57 13.76 -42.91
CA TYR B 850 -16.54 13.23 -40.60
CA THR B 851 -19.33 12.85 -43.15
CA HIS B 852 -21.95 10.64 -41.63
CA ASP B 853 -23.41 9.24 -38.44
CA PHE B 854 -22.97 5.77 -37.00
CA GLU B 855 -25.50 4.60 -39.64
CA GLY B 856 -23.81 6.07 -42.70
CA LYS B 857 -26.43 8.81 -42.89
CA PRO B 858 -24.67 12.15 -43.53
CA LEU B 859 -23.98 14.05 -40.33
CA VAL B 860 -26.20 17.09 -40.12
CA SER B 861 -27.01 17.39 -36.44
CA GLU B 862 -25.06 18.14 -33.31
CA ASP B 863 -27.04 15.30 -31.79
CA GLN B 864 -26.34 12.37 -34.10
CA ILE B 865 -24.24 9.42 -33.03
CA VAL B 866 -20.90 8.77 -34.74
CA GLU B 867 -18.41 6.00 -34.17
CA LEU B 868 -15.30 8.03 -33.49
CA LYS B 869 -11.78 7.36 -34.74
CA PRO B 870 -9.63 5.98 -31.89
CA GLN B 871 -6.67 8.34 -32.09
CA ASP B 872 -9.04 11.31 -32.00
CA ILE B 873 -8.72 12.24 -28.36
CA ILE B 874 -10.85 14.54 -26.23
CA LEU B 875 -8.73 16.29 -23.69
CA SER B 876 -9.19 18.68 -20.82
CA LYS B 877 -9.25 22.42 -21.51
CA GLU B 878 -6.63 23.04 -18.84
CA ALA B 879 -4.28 20.56 -20.51
CA GLY B 880 -4.61 22.48 -23.74
CA ARG B 881 -4.17 25.65 -21.71
CA TYR B 882 -0.84 24.73 -20.18
CA LEU B 883 0.37 22.72 -23.15
CA LEU B 884 -0.80 25.67 -25.21
CA LYS B 885 1.73 27.69 -23.24
CA VAL B 886 4.17 24.85 -23.89
CA ALA B 887 3.58 25.00 -27.66
CA LYS B 888 3.85 28.79 -27.63
CA PHE B 889 7.08 28.27 -25.73
CA VAL B 890 8.08 25.86 -28.53
CA ASP B 891 7.36 28.40 -31.27
CA ASP B 892 9.18 31.07 -29.26
CA LEU B 893 12.11 28.69 -28.98
CA LEU B 894 12.20 28.18 -32.75
CA GLU B 895 12.02 31.87 -33.51
CA LYS B 896 13.93 33.39 -30.59
CA PHE B 897 16.76 30.89 -30.22
CA TYR B 898 17.06 29.17 -33.58
CA GLY B 899 15.43 31.68 -35.83
CA LEU B 900 13.40 28.75 -37.12
CA PRO B 901 9.86 29.54 -38.31
CA ARG B 902 7.01 28.79 -35.95
CA PHE B 903 5.44 25.34 -36.29
CA TYR B 904 2.18 24.90 -34.40
CA ASN B 905 1.28 28.61 -34.67
CA ALA B 906 -0.98 27.78 -31.79
CA GLU B 907 -3.01 30.39 -30.00
CA LYS B 908 -6.12 28.43 -29.05
CA MET B 909 -6.96 24.99 -27.88
CA GLU B 910 -8.92 25.03 -31.11
CA ASP B 911 -5.55 25.79 -32.71
CA LEU B 912 -4.45 22.40 -31.40
CA ILE B 913 -7.06 20.35 -33.18
CA GLY B 914 -5.55 17.87 -35.58
CA HIS B 915 -2.02 18.48 -34.30
CA LEU B 916 -0.49 15.11 -33.66
CA VAL B 917 1.05 14.33 -30.27
CA ILE B 918 2.53 11.33 -28.45
CA GLY B 919 0.64 9.46 -25.84
CA LEU B 920 3.49 7.90 -23.86
CA ALA B 921 2.39 5.10 -21.55
CA PRO B 922 3.99 4.40 -18.16
CA HIS B 923 6.29 1.36 -17.83
CA THR B 924 6.93 1.61 -21.59
CA SER B 925 9.50 2.93 -24.03
CA ALA B 926 6.88 2.60 -26.79
CA GLY B 927 5.03 5.79 -27.67
CA ILE B 928 1.59 6.17 -29.18
CA VAL B 929 0.57 8.89 -31.62
CA GLY B 930 -2.83 10.58 -31.35
CA ARG B 931 -4.82 13.34 -33.04
CA ILE B 932 -6.14 16.21 -30.92
CA ILE B 933 -9.87 16.78 -31.44
CA GLY B 934 -11.59 17.60 -28.15
CA PHE B 935 -11.45 19.23 -24.74
CA VAL B 936 -13.28 19.17 -21.43
CA ASP B 937 -13.57 21.67 -18.64
CA ALA B 938 -13.80 18.78 -16.20
CA LEU B 939 -11.41 16.12 -14.99
CA VAL B 940 -11.61 13.39 -17.53
CA GLY B 941 -9.40 12.84 -20.54
CA TYR B 942 -10.59 10.44 -23.19
CA ALA B 943 -9.00 7.62 -25.18
CA HIS B 944 -10.25 4.48 -26.90
CA PRO B 945 -9.13 0.96 -25.90
CA TYR B 946 -7.84 0.60 -29.46
CA PHE B 947 -5.89 3.75 -28.66
CA HIS B 948 -4.77 2.59 -25.20
CA ALA B 949 -4.43 -1.13 -25.56
CA ALA B 950 -6.07 -3.95 -23.62
CA LYS B 951 -2.61 -4.93 -22.40
CA ARG B 952 -1.49 -1.31 -22.04
CA ARG B 953 -4.30 -0.24 -19.70
CA ASN B 954 -4.31 -3.46 -17.75
CA CYS B 955 -1.19 -3.06 -15.57
CA ASP B 956 -2.96 -0.51 -13.28
CA GLY B 957 -1.35 2.01 -15.61
CA ASP B 958 -4.14 4.25 -16.67
CA GLU B 959 -2.04 7.37 -17.09
CA ASP B 960 0.09 8.82 -19.87
CA ALA B 961 3.01 11.13 -20.56
CA VAL B 962 0.95 13.17 -22.94
CA MET B 963 3.68 14.95 -24.90
CA LEU B 964 3.94 17.27 -27.89
CA LEU B 965 5.72 15.82 -30.92
CA LEU B 966 8.16 18.66 -31.58
CA ASP B 967 8.91 19.05 -27.87
CA ALA B 968 9.71 15.36 -27.50
CA LEU B 969 11.79 15.03 -30.66
CA LEU B 970 13.69 18.27 -30.06
CA ASN B 971 13.92 18.03 -26.31
CA PHE B 972 15.17 14.52 -25.63
CA SER B 973 18.83 13.65 -25.20
CA ARG B 974 20.18 10.17 -24.54
CA TYR B 975 22.63 11.83 -22.14
CA TYR B 976 19.60 12.40 -19.89
CA LEU B 977 19.08 8.69 -19.29
CA PRO B 978 19.13 7.37 -15.69
CA GLU B 979 22.26 5.36 -16.06
CA LYS B 980 21.64 2.29 -13.90
CA ARG B 981 18.03 2.33 -12.74
CA GLY B 982 15.53 2.55 -15.53
CA GLY B 983 12.09 2.91 -14.07
CA LYS B 984 8.45 3.08 -15.02
CA MET B 985 8.71 6.30 -17.04
CA ASP B 986 11.21 5.11 -19.61
CA ALA B 987 12.08 7.50 -22.40
CA PRO B 988 10.01 7.10 -25.57
CA LEU B 989 12.87 5.32 -27.28
CA VAL B 990 10.83 4.27 -30.32
CA ILE B 991 7.12 4.91 -30.90
CA THR B 992 4.21 2.90 -32.29
CA THR B 993 2.25 4.66 -35.01
CA ARG B 994 -0.14 2.05 -36.43
CA LEU B 995 -2.88 0.13 -34.66
CA ASP B 996 -4.84 -3.03 -35.63
CA PRO B 997 -7.67 -5.02 -33.96
CA ARG B 1011 -24.59 -3.66 -28.64
CA TYR B 1012 -27.29 -4.93 -26.28
CA TYR B 1013 -28.47 -8.10 -24.56
CA PRO B 1014 -31.16 -10.75 -25.24
CA LEU B 1015 -33.95 -12.20 -23.13
CA GLU B 1016 -31.62 -15.04 -22.14
CA PHE B 1017 -29.35 -12.45 -20.64
CA TYR B 1018 -32.06 -11.65 -18.09
CA GLU B 1019 -33.25 -15.24 -17.87
CA ALA B 1020 -29.64 -16.40 -17.58
CA THR B 1021 -29.38 -14.25 -14.46
CA TYR B 1022 -32.33 -16.37 -13.29
CA GLU B 1023 -30.65 -19.63 -14.26
CA LEU B 1024 -27.74 -18.51 -12.05
CA LYS B 1025 -25.17 -20.18 -14.21
CA SER B 1026 -21.57 -19.44 -13.39
CA PRO B 1027 -20.46 -16.10 -14.86
CA LYS B 1028 -17.58 -17.91 -16.59
CA GLU B 1029 -20.08 -20.08 -18.45
CA LEU B 1030 -21.95 -16.86 -19.12
CA VAL B 1031 -18.66 -15.49 -20.45
CA GLY B 1032 -18.83 -18.59 -22.62
CA VAL B 1033 -22.35 -17.79 -23.86
CA ILE B 1034 -22.10 -14.08 -24.54
CA GLU B 1035 -18.46 -14.22 -25.59
CA ARG B 1036 -19.76 -16.66 -28.15
CA VAL B 1037 -22.19 -13.87 -28.94
CA GLU B 1038 -19.71 -10.95 -28.59
CA ASP B 1073 -16.38 -11.70 -30.23
CA MET B 1074 -10.08 18.13 10.85
CA GLU B 1075 -10.24 16.45 7.49
CA GLU B 1076 -10.43 13.52 9.85
CA LYS B 1077 -13.38 15.39 11.34
CA VAL B 1078 -14.71 16.41 7.92
CA ARG B 1079 -14.73 12.70 7.16
CA ARG B 1080 -16.37 12.12 10.56
CA GLN B 1081 -19.21 14.26 9.24
CA LEU B 1082 -19.15 12.38 5.93
CA GLU B 1083 -19.06 8.83 7.29
CA VAL B 1084 -21.59 9.69 10.00
CA ALA B 1085 -23.91 11.22 7.39
CA LYS B 1086 -23.44 8.13 5.21
CA ARG B 1087 -24.65 6.10 8.14
CA ILE B 1088 -27.55 8.53 8.56
CA ARG B 1089 -28.23 8.58 4.84
CA ALA B 1090 -27.53 4.87 4.59
CA VAL B 1091 -29.66 1.86 5.44
CA ASP B 1092 -27.22 -1.03 4.84
CA GLU B 1093 -24.07 -0.20 6.84
CA HIS B 1094 -24.10 1.44 10.31
CA GLY B 1095 -23.27 -1.23 12.82
CA VAL B 1096 -19.85 -2.87 12.50
CA ALA B 1097 -18.95 0.57 11.04
CA GLU B 1098 -18.76 1.87 14.62
CA LYS B 1099 -16.02 -0.61 15.50
CA ILE B 1100 -14.55 0.09 12.07
CA LEU B 1101 -14.13 3.74 12.99
CA ASN B 1102 -12.67 2.53 16.25
CA SER B 1103 -10.27 0.76 13.90
CA HIS B 1104 -9.62 4.15 12.49
CA LEU B 1105 -8.99 5.42 15.98
CA ILE B 1106 -6.26 2.78 15.99
CA PRO B 1107 -5.01 4.30 12.67
CA ASP B 1108 -4.75 7.51 14.64
CA LEU B 1109 -1.65 6.15 16.44
CA ARG B 1110 -0.91 3.00 18.47
CA GLY B 1111 2.74 2.33 17.61
CA ASN B 1112 3.59 5.24 19.88
CA LEU B 1113 5.45 2.90 22.26
CA ARG B 1114 8.26 2.55 19.72
CA SER B 1115 8.44 6.33 19.61
CA PHE B 1116 8.64 6.38 23.41
CA THR B 1117 11.62 4.08 23.09
CA ARG B 1118 13.60 5.43 20.11
CA GLN B 1119 12.61 9.14 20.35
CA GLU B 1120 14.35 11.75 18.15
CA PHE B 1121 17.60 13.66 17.53
CA ARG B 1122 18.40 17.04 15.96
CA CYS B 1123 21.43 19.40 15.90
CA VAL B 1124 21.14 23.10 14.89
CA LYS B 1125 24.79 22.75 13.78
CA CYS B 1126 26.34 19.83 11.79
CA ASN B 1127 23.49 17.46 11.01
CA THR B 1128 24.09 13.85 11.99
CA LYS B 1129 21.67 11.13 13.12
CA PHE B 1130 22.62 9.92 16.64
CA ARG B 1131 20.53 7.66 18.87
CA ARG B 1132 22.62 8.75 21.89
CA PRO B 1133 20.41 10.06 24.69
CA PRO B 1134 19.16 13.59 25.39
CA LEU B 1135 22.13 14.58 27.55
CA ASN B 1136 23.57 17.55 29.42
CA GLY B 1137 25.23 19.02 26.31
CA LYS B 1138 23.91 21.55 23.86
CA CYS B 1139 25.52 20.05 20.76
CA PRO B 1140 27.85 17.57 19.21
CA VAL B 1141 30.14 20.11 20.52
CA CYS B 1142 30.14 22.38 17.35
CA GLY B 1143 27.55 24.54 19.07
CA GLY B 1144 23.87 24.40 18.21
CA LYS B 1145 20.91 23.01 20.17
CA ILE B 1146 19.52 19.50 20.18
CA VAL B 1147 15.80 18.86 19.83
CA LEU B 1148 14.16 15.96 21.66
CA THR B 1149 11.00 14.46 20.17
CA GLU B 1156 -0.26 12.83 19.98
CA LYS B 1157 -3.75 12.69 18.49
CA TYR B 1158 -7.40 13.46 19.25
CA LEU B 1159 -8.61 11.34 22.12
CA GLY B 1160 -11.51 13.02 23.89
CA THR B 1161 -13.85 12.90 20.91
CA ALA B 1162 -12.66 9.32 20.41
CA LYS B 1163 -13.97 8.58 23.92
CA MET B 1164 -17.18 10.35 22.98
CA LEU B 1165 -17.71 8.34 19.82
CA VAL B 1166 -16.94 5.13 21.67
CA THR B 1167 -19.50 6.02 24.34
CA GLU B 1168 -22.09 7.12 21.78
CA TYR B 1169 -21.68 4.31 19.29
CA ASN B 1170 -22.25 1.16 21.15
CA GLN B 1177 -15.28 -5.47 22.64
CA ARG B 1178 -15.52 -1.91 21.44
CA ILE B 1179 -15.87 -0.22 24.84
CA CYS B 1180 -13.61 -2.92 26.26
CA LEU B 1181 -10.67 -2.78 23.85
CA THR B 1182 -10.95 0.92 23.07
CA GLU B 1183 -11.49 2.22 26.59
CA ARG B 1184 -8.83 -0.08 28.01
CA ASP B 1185 -6.51 1.39 25.39
CA ILE B 1186 -7.80 4.85 26.39
CA ASP B 1187 -7.00 4.69 30.08
CA SER B 1188 -3.82 2.82 29.22
CA LEU B 1189 -2.80 5.92 27.26
CA PHE B 1190 -4.06 8.67 29.60
CA GLU B 1191 -2.45 6.94 32.58
CA ASN B 1192 0.93 7.08 30.76
CA VAL B 1193 1.64 10.80 30.91
CA PHE B 1194 3.16 12.25 34.06
FE FE E . 5.14 -12.96 31.71
ZN ZN F . 6.76 -9.91 31.17
ZN ZN G . 36.86 28.04 -31.74
ZN ZN H . 47.00 8.46 -17.64
ZN ZN I . 26.95 20.25 16.10
#